data_7XGL
#
_entry.id   7XGL
#
_cell.length_a   120.046
_cell.length_b   150.929
_cell.length_c   55.181
_cell.angle_alpha   90.000
_cell.angle_beta   90.000
_cell.angle_gamma   90.000
#
_symmetry.space_group_name_H-M   'P 21 21 2'
#
loop_
_entity.id
_entity.type
_entity.pdbx_description
1 polymer 'Quinolinate Phosphoribosyl Transferase'
2 non-polymer 'SULFATE ION'
3 non-polymer GLYCEROL
4 non-polymer 'hexanedioic acid'
5 non-polymer 'CHLORIDE ION'
6 non-polymer TRIS-HYDROXYMETHYL-METHYL-AMMONIUM
7 water water
#
_entity_poly.entity_id   1
_entity_poly.type   'polypeptide(L)'
_entity_poly.pdbx_seq_one_letter_code
;MIAEAWSPATDERLRAAGIDAEDARRVVVTALEEDLRYGADVTSDATVPADAVTEAVVASRQPGVLAGLPVALAVLDLVT
GGRFEVAECRADGDRLGPGDVALRVTAATRELLVAERTMLNLLCHLSGVATLTARWNDALAGTHCKVRDSRKTLPGLRLL
EKYAVRRGGGQNHRLGLGDAILIKDNHIVAGGSAGAALQAARAHTPGLPCEVEVTTLAELDEVLALGADEVMLDNFTVEQ
CVEAVRRRDAARTRTRLEASGGLTLDVAAAYARTGVDLLAVGALTHSAPALDLGLDFAPRTEGDVRQR
;
_entity_poly.pdbx_strand_id   A,B
#
loop_
_chem_comp.id
_chem_comp.type
_chem_comp.name
_chem_comp.formula
0L1 non-polymer 'hexanedioic acid' 'C6 H10 O4'
144 non-polymer TRIS-HYDROXYMETHYL-METHYL-AMMONIUM 'C4 H12 N O3 1'
CL non-polymer 'CHLORIDE ION' 'Cl -1'
GOL non-polymer GLYCEROL 'C3 H8 O3'
SO4 non-polymer 'SULFATE ION' 'O4 S -2'
#
# COMPACT_ATOMS: atom_id res chain seq x y z
N ALA A 3 0.40 -2.07 -25.45
CA ALA A 3 1.27 -3.15 -25.89
C ALA A 3 0.65 -4.54 -25.66
N GLU A 4 -0.57 -4.56 -25.13
CA GLU A 4 -1.45 -5.73 -25.08
C GLU A 4 -0.76 -7.05 -24.76
N ALA A 5 -0.67 -7.40 -23.47
CA ALA A 5 -0.24 -8.72 -23.01
C ALA A 5 1.23 -9.05 -23.31
N TRP A 6 1.89 -9.71 -22.36
CA TRP A 6 3.30 -10.06 -22.49
C TRP A 6 3.44 -11.46 -23.08
N SER A 7 4.68 -11.99 -23.08
CA SER A 7 4.99 -13.24 -23.76
C SER A 7 4.65 -14.45 -22.91
N PRO A 8 4.37 -15.60 -23.54
CA PRO A 8 4.15 -16.83 -22.75
C PRO A 8 5.32 -17.23 -21.87
N ALA A 9 6.56 -16.88 -22.23
CA ALA A 9 7.67 -17.12 -21.32
C ALA A 9 7.47 -16.39 -19.99
N THR A 10 6.89 -15.19 -20.04
CA THR A 10 6.64 -14.46 -18.80
C THR A 10 5.51 -15.08 -18.00
N ASP A 11 4.44 -15.52 -18.68
CA ASP A 11 3.40 -16.28 -18.00
C ASP A 11 3.98 -17.49 -17.27
N GLU A 12 4.86 -18.24 -17.96
CA GLU A 12 5.46 -19.41 -17.35
C GLU A 12 6.30 -19.03 -16.13
N ARG A 13 7.03 -17.92 -16.20
CA ARG A 13 7.82 -17.51 -15.05
C ARG A 13 6.94 -17.10 -13.89
N LEU A 14 5.81 -16.44 -14.17
CA LEU A 14 4.87 -16.08 -13.10
C LEU A 14 4.29 -17.33 -12.46
N ARG A 15 3.83 -18.27 -13.28
CA ARG A 15 3.25 -19.49 -12.74
C ARG A 15 4.31 -20.35 -12.06
N ALA A 16 5.54 -20.37 -12.60
CA ALA A 16 6.62 -21.07 -11.91
C ALA A 16 6.82 -20.53 -10.51
N ALA A 17 6.64 -19.21 -10.33
CA ALA A 17 6.84 -18.58 -9.04
C ALA A 17 5.63 -18.69 -8.12
N GLY A 18 4.50 -19.21 -8.61
CA GLY A 18 3.29 -19.22 -7.82
C GLY A 18 2.52 -17.92 -7.82
N ILE A 19 2.76 -17.06 -8.81
CA ILE A 19 2.08 -15.78 -8.94
C ILE A 19 0.89 -15.97 -9.86
N ASP A 20 -0.29 -15.51 -9.43
CA ASP A 20 -1.49 -15.53 -10.27
C ASP A 20 -1.29 -14.60 -11.46
N ALA A 21 -1.22 -15.16 -12.67
CA ALA A 21 -0.77 -14.40 -13.84
C ALA A 21 -1.83 -13.45 -14.36
N GLU A 22 -3.11 -13.84 -14.28
CA GLU A 22 -4.16 -12.93 -14.74
C GLU A 22 -4.31 -11.73 -13.79
N ASP A 23 -4.20 -11.98 -12.49
CA ASP A 23 -4.26 -10.86 -11.55
C ASP A 23 -3.07 -9.93 -11.72
N ALA A 24 -1.86 -10.49 -11.91
CA ALA A 24 -0.68 -9.67 -12.11
C ALA A 24 -0.79 -8.85 -13.39
N ARG A 25 -1.41 -9.39 -14.44
CA ARG A 25 -1.59 -8.61 -15.65
C ARG A 25 -2.50 -7.41 -15.41
N ARG A 26 -3.60 -7.61 -14.68
CA ARG A 26 -4.48 -6.49 -14.36
C ARG A 26 -3.72 -5.41 -13.59
N VAL A 27 -2.94 -5.81 -12.60
CA VAL A 27 -2.20 -4.84 -11.79
C VAL A 27 -1.21 -4.07 -12.66
N VAL A 28 -0.47 -4.78 -13.50
CA VAL A 28 0.58 -4.15 -14.30
C VAL A 28 -0.02 -3.20 -15.33
N VAL A 29 -1.04 -3.67 -16.06
CA VAL A 29 -1.64 -2.83 -17.09
C VAL A 29 -2.26 -1.59 -16.47
N THR A 30 -2.91 -1.75 -15.31
CA THR A 30 -3.47 -0.59 -14.61
C THR A 30 -2.39 0.40 -14.21
N ALA A 31 -1.29 -0.10 -13.62
CA ALA A 31 -0.23 0.77 -13.12
C ALA A 31 0.42 1.56 -14.26
N LEU A 32 0.78 0.88 -15.36
CA LEU A 32 1.33 1.61 -16.51
C LEU A 32 0.36 2.68 -16.99
N GLU A 33 -0.94 2.35 -17.01
CA GLU A 33 -1.95 3.32 -17.40
C GLU A 33 -1.95 4.55 -16.51
N GLU A 34 -1.80 4.38 -15.18
CA GLU A 34 -1.73 5.54 -14.29
C GLU A 34 -0.60 6.49 -14.66
N ASP A 35 0.51 5.96 -15.19
CA ASP A 35 1.68 6.78 -15.50
C ASP A 35 1.62 7.35 -16.92
N LEU A 36 0.92 6.70 -17.85
CA LEU A 36 0.94 7.08 -19.25
C LEU A 36 -0.34 7.76 -19.73
N ARG A 37 -1.38 7.86 -18.89
CA ARG A 37 -2.66 8.41 -19.35
C ARG A 37 -2.62 9.91 -19.66
N TYR A 38 -1.58 10.64 -19.25
CA TYR A 38 -1.50 12.05 -19.57
C TYR A 38 -0.68 12.31 -20.83
N GLY A 39 -0.18 11.26 -21.47
CA GLY A 39 0.66 11.40 -22.63
C GLY A 39 2.01 10.73 -22.44
N ALA A 40 2.77 10.73 -23.54
CA ALA A 40 4.08 10.11 -23.60
C ALA A 40 5.05 10.75 -22.60
N ASP A 41 6.13 10.02 -22.34
CA ASP A 41 7.20 10.47 -21.44
C ASP A 41 7.97 11.62 -22.06
N VAL A 42 7.51 12.87 -21.83
CA VAL A 42 8.09 14.03 -22.49
C VAL A 42 9.54 14.24 -22.10
N THR A 43 9.87 14.01 -20.83
CA THR A 43 11.25 14.24 -20.38
C THR A 43 12.23 13.38 -21.18
N SER A 44 11.97 12.07 -21.24
CA SER A 44 12.87 11.16 -21.92
C SER A 44 12.88 11.41 -23.43
N ASP A 45 11.73 11.73 -24.00
CA ASP A 45 11.65 11.96 -25.44
C ASP A 45 12.41 13.20 -25.85
N ALA A 46 12.61 14.14 -24.93
CA ALA A 46 13.38 15.34 -25.23
C ALA A 46 14.87 15.20 -24.92
N THR A 47 15.27 14.28 -24.04
CA THR A 47 16.65 14.21 -23.60
C THR A 47 17.38 12.93 -23.94
N VAL A 48 16.67 11.90 -24.42
CA VAL A 48 17.31 10.61 -24.69
C VAL A 48 17.00 10.21 -26.12
N PRO A 49 18.00 9.83 -26.90
CA PRO A 49 17.74 9.38 -28.29
C PRO A 49 16.91 8.10 -28.33
N ALA A 50 16.08 8.01 -29.39
CA ALA A 50 15.21 6.85 -29.57
C ALA A 50 15.99 5.54 -29.71
N ASP A 51 17.22 5.59 -30.22
CA ASP A 51 18.00 4.37 -30.44
C ASP A 51 18.95 4.04 -29.29
N ALA A 52 18.95 4.85 -28.23
CA ALA A 52 19.81 4.55 -27.09
C ALA A 52 19.41 3.24 -26.44
N VAL A 53 20.40 2.43 -26.04
CA VAL A 53 20.16 1.29 -25.17
C VAL A 53 21.14 1.39 -24.02
N THR A 54 20.75 0.86 -22.86
CA THR A 54 21.59 0.95 -21.68
C THR A 54 21.40 -0.29 -20.83
N GLU A 55 22.41 -0.54 -20.00
CA GLU A 55 22.31 -1.51 -18.93
C GLU A 55 21.82 -0.82 -17.66
N ALA A 56 21.03 -1.55 -16.87
CA ALA A 56 20.47 -0.99 -15.65
C ALA A 56 20.56 -2.03 -14.55
N VAL A 57 20.74 -1.56 -13.33
CA VAL A 57 20.83 -2.40 -12.15
C VAL A 57 19.72 -2.01 -11.18
N VAL A 58 18.94 -2.99 -10.73
CA VAL A 58 18.06 -2.81 -9.59
C VAL A 58 18.85 -3.23 -8.36
N ALA A 59 19.03 -2.30 -7.41
CA ALA A 59 19.86 -2.55 -6.25
C ALA A 59 19.14 -2.09 -4.98
N SER A 60 19.33 -2.84 -3.90
CA SER A 60 18.73 -2.47 -2.63
C SER A 60 19.58 -1.43 -1.92
N ARG A 61 18.92 -0.48 -1.27
CA ARG A 61 19.58 0.47 -0.39
C ARG A 61 19.47 0.11 1.08
N GLN A 62 18.70 -0.92 1.43
CA GLN A 62 18.40 -1.31 2.80
C GLN A 62 18.46 -2.83 2.87
N PRO A 63 18.68 -3.39 4.05
CA PRO A 63 18.57 -4.84 4.19
C PRO A 63 17.10 -5.27 4.22
N GLY A 64 16.81 -6.39 3.56
CA GLY A 64 15.46 -6.92 3.62
C GLY A 64 15.32 -8.17 2.79
N VAL A 65 14.07 -8.49 2.43
CA VAL A 65 13.73 -9.68 1.66
C VAL A 65 13.12 -9.24 0.33
N LEU A 66 13.62 -9.83 -0.76
CA LEU A 66 13.13 -9.54 -2.10
C LEU A 66 11.80 -10.24 -2.41
N ALA A 67 10.89 -9.52 -3.05
CA ALA A 67 9.67 -10.14 -3.56
C ALA A 67 9.11 -9.30 -4.70
N GLY A 68 8.56 -9.97 -5.71
CA GLY A 68 7.97 -9.31 -6.86
C GLY A 68 8.87 -9.16 -8.06
N LEU A 69 10.09 -9.70 -8.03
CA LEU A 69 10.96 -9.56 -9.21
C LEU A 69 10.35 -10.16 -10.47
N PRO A 70 9.67 -11.32 -10.46
CA PRO A 70 9.01 -11.77 -11.71
C PRO A 70 7.94 -10.80 -12.23
N VAL A 71 7.25 -10.07 -11.34
CA VAL A 71 6.26 -9.12 -11.82
C VAL A 71 6.94 -7.90 -12.44
N ALA A 72 8.05 -7.46 -11.84
CA ALA A 72 8.79 -6.35 -12.42
C ALA A 72 9.32 -6.71 -13.80
N LEU A 73 9.81 -7.94 -13.96
CA LEU A 73 10.22 -8.41 -15.30
C LEU A 73 9.05 -8.45 -16.26
N ALA A 74 7.85 -8.77 -15.77
CA ALA A 74 6.68 -8.75 -16.66
C ALA A 74 6.40 -7.33 -17.15
N VAL A 75 6.54 -6.33 -16.26
CA VAL A 75 6.41 -4.94 -16.68
C VAL A 75 7.37 -4.63 -17.82
N LEU A 76 8.65 -4.93 -17.62
CA LEU A 76 9.65 -4.63 -18.65
C LEU A 76 9.37 -5.40 -19.94
N ASP A 77 9.00 -6.67 -19.81
CA ASP A 77 8.61 -7.47 -20.99
C ASP A 77 7.52 -6.77 -21.77
N LEU A 78 6.50 -6.27 -21.05
CA LEU A 78 5.39 -5.60 -21.71
C LEU A 78 5.84 -4.29 -22.37
N VAL A 79 6.62 -3.49 -21.66
CA VAL A 79 7.01 -2.19 -22.18
C VAL A 79 7.90 -2.36 -23.41
N THR A 80 8.78 -3.36 -23.40
CA THR A 80 9.76 -3.55 -24.48
C THR A 80 9.28 -4.48 -25.58
N GLY A 81 8.09 -5.07 -25.45
CA GLY A 81 7.68 -6.09 -26.40
C GLY A 81 8.61 -7.28 -26.44
N GLY A 82 9.22 -7.63 -25.30
CA GLY A 82 10.15 -8.74 -25.25
C GLY A 82 11.59 -8.40 -25.54
N ARG A 83 11.91 -7.16 -25.90
CA ARG A 83 13.26 -6.79 -26.31
C ARG A 83 14.05 -6.32 -25.09
N PHE A 84 14.54 -7.29 -24.32
CA PHE A 84 15.40 -7.03 -23.17
C PHE A 84 16.20 -8.28 -22.90
N GLU A 85 17.34 -8.11 -22.22
CA GLU A 85 18.18 -9.25 -21.87
C GLU A 85 18.59 -9.11 -20.41
N VAL A 86 18.44 -10.20 -19.67
CA VAL A 86 18.79 -10.24 -18.25
C VAL A 86 20.19 -10.83 -18.12
N ALA A 87 21.07 -10.11 -17.44
CA ALA A 87 22.42 -10.62 -17.18
C ALA A 87 22.51 -11.29 -15.82
N GLU A 88 21.64 -10.95 -14.88
CA GLU A 88 21.82 -11.37 -13.51
C GLU A 88 20.52 -11.14 -12.77
N CYS A 89 20.17 -12.05 -11.87
CA CYS A 89 18.94 -11.86 -11.12
C CYS A 89 18.98 -12.67 -9.84
N ARG A 90 18.50 -12.07 -8.76
CA ARG A 90 18.25 -12.81 -7.53
C ARG A 90 16.83 -13.39 -7.55
N ALA A 91 16.53 -14.24 -6.57
CA ALA A 91 15.22 -14.89 -6.48
C ALA A 91 14.41 -14.26 -5.36
N ASP A 92 13.10 -14.17 -5.59
CA ASP A 92 12.18 -13.76 -4.53
C ASP A 92 12.40 -14.66 -3.32
N GLY A 93 12.42 -14.05 -2.14
CA GLY A 93 12.76 -14.75 -0.92
C GLY A 93 14.21 -14.58 -0.48
N ASP A 94 15.09 -14.16 -1.37
CA ASP A 94 16.49 -13.95 -1.01
C ASP A 94 16.62 -12.76 -0.06
N ARG A 95 17.55 -12.88 0.88
CA ARG A 95 17.93 -11.76 1.74
C ARG A 95 18.86 -10.83 0.99
N LEU A 96 18.58 -9.53 1.02
CA LEU A 96 19.45 -8.54 0.40
C LEU A 96 20.00 -7.62 1.47
N GLY A 97 21.25 -7.17 1.27
CA GLY A 97 21.83 -6.13 2.08
C GLY A 97 22.03 -4.89 1.22
N PRO A 98 22.39 -3.76 1.84
CA PRO A 98 22.59 -2.53 1.06
C PRO A 98 23.63 -2.74 -0.03
N GLY A 99 23.32 -2.30 -1.24
CA GLY A 99 24.20 -2.43 -2.37
C GLY A 99 24.03 -3.70 -3.18
N ASP A 100 23.34 -4.71 -2.65
CA ASP A 100 23.15 -5.94 -3.41
C ASP A 100 22.32 -5.69 -4.66
N VAL A 101 22.69 -6.37 -5.74
CA VAL A 101 22.05 -6.23 -7.05
C VAL A 101 21.01 -7.34 -7.20
N ALA A 102 19.74 -6.95 -7.38
CA ALA A 102 18.66 -7.92 -7.56
C ALA A 102 18.42 -8.26 -9.02
N LEU A 103 18.81 -7.37 -9.94
CA LEU A 103 18.56 -7.59 -11.34
C LEU A 103 19.51 -6.72 -12.13
N ARG A 104 20.07 -7.28 -13.20
CA ARG A 104 20.82 -6.49 -14.17
C ARG A 104 20.22 -6.77 -15.53
N VAL A 105 19.79 -5.72 -16.23
CA VAL A 105 19.09 -5.86 -17.50
C VAL A 105 19.64 -4.86 -18.50
N THR A 106 19.47 -5.20 -19.78
CA THR A 106 19.76 -4.31 -20.89
C THR A 106 18.51 -4.17 -21.74
N ALA A 107 18.19 -2.94 -22.13
CA ALA A 107 17.05 -2.65 -22.97
C ALA A 107 17.18 -1.24 -23.53
N ALA A 108 16.31 -0.91 -24.47
CA ALA A 108 16.22 0.46 -24.98
C ALA A 108 16.04 1.43 -23.82
N THR A 109 16.83 2.50 -23.82
CA THR A 109 16.88 3.43 -22.69
C THR A 109 15.52 4.09 -22.45
N ARG A 110 14.84 4.55 -23.50
CA ARG A 110 13.53 5.15 -23.34
C ARG A 110 12.54 4.18 -22.71
N GLU A 111 12.64 2.90 -23.05
CA GLU A 111 11.67 1.96 -22.50
C GLU A 111 11.96 1.64 -21.04
N LEU A 112 13.24 1.62 -20.63
CA LEU A 112 13.54 1.46 -19.21
C LEU A 112 13.00 2.64 -18.41
N LEU A 113 13.11 3.85 -18.95
CA LEU A 113 12.66 5.04 -18.24
C LEU A 113 11.14 5.05 -18.03
N VAL A 114 10.40 4.49 -18.99
CA VAL A 114 8.95 4.32 -18.84
C VAL A 114 8.64 3.23 -17.82
N ALA A 115 9.35 2.09 -17.89
CA ALA A 115 9.06 0.96 -17.01
C ALA A 115 9.48 1.22 -15.57
N GLU A 116 10.52 2.02 -15.37
CA GLU A 116 11.25 2.07 -14.11
C GLU A 116 10.33 2.23 -12.89
N ARG A 117 9.46 3.23 -12.90
CA ARG A 117 8.73 3.59 -11.69
C ARG A 117 7.67 2.55 -11.37
N THR A 118 7.00 2.01 -12.39
CA THR A 118 6.05 0.92 -12.16
C THR A 118 6.77 -0.32 -11.62
N MET A 119 7.90 -0.69 -12.21
CA MET A 119 8.69 -1.80 -11.70
C MET A 119 9.03 -1.60 -10.23
N LEU A 120 9.54 -0.41 -9.88
CA LEU A 120 9.97 -0.16 -8.51
C LEU A 120 8.81 -0.04 -7.54
N ASN A 121 7.69 0.57 -7.95
CA ASN A 121 6.55 0.64 -7.02
C ASN A 121 6.09 -0.75 -6.63
N LEU A 122 6.10 -1.68 -7.58
CA LEU A 122 5.76 -3.08 -7.27
C LEU A 122 6.83 -3.71 -6.39
N LEU A 123 8.09 -3.67 -6.82
CA LEU A 123 9.18 -4.30 -6.08
C LEU A 123 9.28 -3.77 -4.65
N CYS A 124 9.23 -2.45 -4.48
CA CYS A 124 9.44 -1.88 -3.15
C CYS A 124 8.31 -2.24 -2.19
N HIS A 125 7.07 -2.24 -2.68
CA HIS A 125 5.95 -2.57 -1.80
C HIS A 125 5.99 -4.05 -1.43
N LEU A 126 6.09 -4.92 -2.43
CA LEU A 126 6.04 -6.35 -2.15
C LEU A 126 7.25 -6.79 -1.33
N SER A 127 8.43 -6.25 -1.64
CA SER A 127 9.60 -6.52 -0.80
C SER A 127 9.40 -5.98 0.62
N GLY A 128 8.74 -4.84 0.75
CA GLY A 128 8.43 -4.34 2.08
C GLY A 128 7.54 -5.30 2.86
N VAL A 129 6.53 -5.88 2.19
CA VAL A 129 5.68 -6.87 2.84
C VAL A 129 6.49 -8.09 3.26
N ALA A 130 7.29 -8.64 2.33
CA ALA A 130 8.07 -9.83 2.67
C ALA A 130 9.09 -9.51 3.75
N THR A 131 9.63 -8.30 3.76
CA THR A 131 10.62 -7.92 4.77
C THR A 131 9.99 -7.83 6.16
N LEU A 132 8.85 -7.14 6.27
CA LEU A 132 8.15 -7.09 7.55
C LEU A 132 7.74 -8.48 8.01
N THR A 133 7.23 -9.31 7.10
CA THR A 133 6.84 -10.67 7.46
C THR A 133 8.02 -11.44 8.04
N ALA A 134 9.20 -11.30 7.43
CA ALA A 134 10.38 -12.00 7.92
C ALA A 134 10.77 -11.54 9.33
N ARG A 135 10.58 -10.25 9.64
CA ARG A 135 10.85 -9.79 11.01
C ARG A 135 9.95 -10.47 12.01
N TRP A 136 8.67 -10.62 11.69
CA TRP A 136 7.76 -11.33 12.57
C TRP A 136 8.16 -12.79 12.70
N ASN A 137 8.47 -13.42 11.57
CA ASN A 137 8.89 -14.82 11.59
C ASN A 137 10.14 -15.02 12.44
N ASP A 138 11.11 -14.08 12.34
CA ASP A 138 12.32 -14.19 13.14
C ASP A 138 12.04 -14.02 14.63
N ALA A 139 11.08 -13.18 14.99
CA ALA A 139 10.70 -13.05 16.39
C ALA A 139 10.10 -14.34 16.96
N LEU A 140 9.73 -15.29 16.10
CA LEU A 140 9.12 -16.56 16.51
C LEU A 140 10.12 -17.71 16.56
N ALA A 141 11.40 -17.45 16.31
CA ALA A 141 12.42 -18.49 16.36
C ALA A 141 12.51 -19.11 17.75
N GLY A 142 12.74 -20.41 17.79
CA GLY A 142 12.80 -21.14 19.05
C GLY A 142 11.46 -21.69 19.50
N THR A 143 10.37 -21.30 18.86
CA THR A 143 9.04 -21.86 19.11
C THR A 143 8.56 -22.54 17.84
N HIS A 144 7.39 -23.13 17.91
CA HIS A 144 6.76 -23.67 16.71
C HIS A 144 5.73 -22.71 16.12
N CYS A 145 5.58 -21.53 16.72
CA CYS A 145 4.60 -20.55 16.28
C CYS A 145 4.91 -20.03 14.88
N LYS A 146 3.85 -19.75 14.11
CA LYS A 146 3.97 -19.19 12.77
C LYS A 146 3.13 -17.92 12.71
N VAL A 147 3.47 -17.04 11.78
CA VAL A 147 2.74 -15.80 11.59
C VAL A 147 1.87 -15.93 10.34
N ARG A 148 0.66 -15.40 10.41
CA ARG A 148 -0.27 -15.45 9.30
C ARG A 148 -0.78 -14.04 9.01
N ASP A 149 -1.33 -13.87 7.81
CA ASP A 149 -1.85 -12.57 7.38
C ASP A 149 -3.37 -12.51 7.53
N SER A 150 -4.03 -11.69 6.73
CA SER A 150 -5.44 -11.39 6.95
C SER A 150 -6.04 -10.87 5.65
N ARG A 151 -7.30 -10.44 5.71
CA ARG A 151 -7.90 -9.77 4.57
C ARG A 151 -7.70 -8.25 4.64
N LYS A 152 -6.84 -7.76 5.54
CA LYS A 152 -6.51 -6.33 5.59
C LYS A 152 -5.37 -6.02 4.62
N THR A 153 -5.64 -6.30 3.36
CA THR A 153 -4.77 -6.04 2.24
C THR A 153 -5.14 -4.70 1.60
N LEU A 154 -4.24 -4.17 0.78
CA LEU A 154 -4.57 -2.94 0.06
C LEU A 154 -5.42 -3.26 -1.18
N PRO A 155 -6.41 -2.42 -1.47
CA PRO A 155 -7.36 -2.71 -2.56
C PRO A 155 -6.66 -3.00 -3.89
N GLY A 156 -7.02 -4.13 -4.50
CA GLY A 156 -6.44 -4.51 -5.78
C GLY A 156 -5.12 -5.26 -5.69
N LEU A 157 -4.51 -5.34 -4.52
CA LEU A 157 -3.19 -5.94 -4.36
C LEU A 157 -3.22 -7.21 -3.51
N ARG A 158 -4.39 -7.81 -3.30
CA ARG A 158 -4.49 -8.92 -2.36
C ARG A 158 -3.59 -10.10 -2.77
N LEU A 159 -3.73 -10.59 -4.00
CA LEU A 159 -3.01 -11.81 -4.37
C LEU A 159 -1.50 -11.58 -4.40
N LEU A 160 -1.07 -10.40 -4.84
CA LEU A 160 0.36 -10.09 -4.84
C LEU A 160 0.91 -9.98 -3.43
N GLU A 161 0.15 -9.36 -2.52
CA GLU A 161 0.60 -9.23 -1.13
C GLU A 161 0.58 -10.55 -0.39
N LYS A 162 -0.39 -11.42 -0.70
CA LYS A 162 -0.39 -12.76 -0.10
C LYS A 162 0.86 -13.53 -0.54
N TYR A 163 1.22 -13.40 -1.82
CA TYR A 163 2.46 -13.99 -2.34
C TYR A 163 3.68 -13.45 -1.58
N ALA A 164 3.74 -12.13 -1.39
CA ALA A 164 4.87 -11.53 -0.70
C ALA A 164 4.98 -12.05 0.74
N VAL A 165 3.85 -12.24 1.42
CA VAL A 165 3.86 -12.80 2.76
C VAL A 165 4.49 -14.19 2.76
N ARG A 166 4.12 -15.05 1.80
CA ARG A 166 4.77 -16.36 1.67
C ARG A 166 6.27 -16.20 1.47
N ARG A 167 6.69 -15.26 0.60
CA ARG A 167 8.12 -15.11 0.35
C ARG A 167 8.87 -14.65 1.59
N GLY A 168 8.19 -14.06 2.57
CA GLY A 168 8.83 -13.69 3.81
C GLY A 168 8.75 -14.73 4.90
N GLY A 169 8.28 -15.94 4.61
CA GLY A 169 8.17 -16.97 5.63
C GLY A 169 6.83 -17.03 6.35
N GLY A 170 5.84 -16.20 5.96
CA GLY A 170 4.53 -16.25 6.60
C GLY A 170 3.61 -17.23 5.90
N GLN A 171 2.46 -17.47 6.52
CA GLN A 171 1.44 -18.36 5.95
C GLN A 171 0.18 -17.57 5.63
N ASN A 172 -0.48 -17.92 4.53
CA ASN A 172 -1.66 -17.17 4.13
C ASN A 172 -2.87 -17.58 4.96
N HIS A 173 -3.57 -16.61 5.49
CA HIS A 173 -4.94 -16.79 5.94
C HIS A 173 -5.86 -16.86 4.71
N ARG A 174 -7.16 -17.02 4.94
CA ARG A 174 -8.10 -17.20 3.83
C ARG A 174 -8.03 -16.02 2.86
N LEU A 175 -8.42 -16.26 1.60
CA LEU A 175 -8.29 -15.24 0.57
C LEU A 175 -9.53 -14.38 0.40
N GLY A 176 -10.68 -14.77 0.94
CA GLY A 176 -11.90 -14.01 0.74
C GLY A 176 -12.97 -14.48 1.69
N LEU A 177 -14.20 -14.03 1.44
CA LEU A 177 -15.29 -14.41 2.33
C LEU A 177 -15.84 -15.80 2.05
N GLY A 178 -15.62 -16.34 0.85
CA GLY A 178 -16.22 -17.59 0.47
C GLY A 178 -15.35 -18.82 0.56
N ASP A 179 -14.06 -18.68 0.86
CA ASP A 179 -13.21 -19.86 0.83
C ASP A 179 -12.97 -20.46 2.20
N ALA A 180 -13.47 -19.82 3.27
CA ALA A 180 -13.29 -20.34 4.61
C ALA A 180 -14.21 -19.59 5.56
N ILE A 181 -14.61 -20.28 6.64
CA ILE A 181 -15.43 -19.71 7.69
C ILE A 181 -14.54 -19.05 8.73
N LEU A 182 -14.90 -17.83 9.12
CA LEU A 182 -14.27 -17.21 10.30
C LEU A 182 -15.38 -16.52 11.07
N ILE A 183 -15.82 -17.16 12.14
CA ILE A 183 -16.89 -16.65 12.98
C ILE A 183 -16.33 -15.57 13.89
N LYS A 184 -16.97 -14.41 13.89
CA LYS A 184 -16.58 -13.26 14.71
C LYS A 184 -17.77 -12.84 15.58
N ASP A 185 -17.55 -11.76 16.36
CA ASP A 185 -18.48 -11.38 17.41
C ASP A 185 -19.88 -11.07 16.87
N ASN A 186 -19.98 -10.39 15.71
CA ASN A 186 -21.29 -10.15 15.11
C ASN A 186 -22.00 -11.47 14.78
N HIS A 187 -21.24 -12.48 14.37
CA HIS A 187 -21.86 -13.78 14.09
C HIS A 187 -22.28 -14.48 15.39
N ILE A 188 -21.50 -14.29 16.46
CA ILE A 188 -21.85 -14.91 17.74
C ILE A 188 -23.09 -14.23 18.33
N VAL A 189 -23.16 -12.90 18.26
CA VAL A 189 -24.36 -12.19 18.69
C VAL A 189 -25.57 -12.69 17.91
N ALA A 190 -25.48 -12.70 16.58
CA ALA A 190 -26.61 -13.12 15.78
C ALA A 190 -27.00 -14.57 16.10
N GLY A 191 -26.00 -15.47 16.14
CA GLY A 191 -26.30 -16.89 16.23
C GLY A 191 -26.91 -17.33 17.56
N GLY A 192 -26.61 -16.61 18.64
CA GLY A 192 -27.13 -16.90 19.96
C GLY A 192 -26.08 -17.28 20.98
N SER A 193 -24.89 -17.69 20.53
CA SER A 193 -23.78 -18.13 21.37
C SER A 193 -22.65 -18.50 20.43
N ALA A 194 -21.44 -18.68 20.99
CA ALA A 194 -20.33 -19.16 20.18
C ALA A 194 -20.61 -20.55 19.67
N GLY A 195 -21.12 -21.43 20.53
CA GLY A 195 -21.42 -22.79 20.11
C GLY A 195 -22.44 -22.84 18.99
N ALA A 196 -23.50 -22.04 19.09
CA ALA A 196 -24.55 -22.04 18.07
C ALA A 196 -24.01 -21.58 16.73
N ALA A 197 -23.18 -20.52 16.73
CA ALA A 197 -22.62 -20.05 15.47
C ALA A 197 -21.67 -21.09 14.87
N LEU A 198 -20.85 -21.72 15.71
CA LEU A 198 -19.97 -22.78 15.22
C LEU A 198 -20.77 -23.93 14.62
N GLN A 199 -21.84 -24.36 15.29
CA GLN A 199 -22.65 -25.46 14.76
C GLN A 199 -23.37 -25.06 13.48
N ALA A 200 -23.85 -23.80 13.41
CA ALA A 200 -24.53 -23.36 12.20
C ALA A 200 -23.58 -23.30 11.01
N ALA A 201 -22.35 -22.83 11.23
CA ALA A 201 -21.38 -22.78 10.13
C ALA A 201 -20.99 -24.18 9.67
N ARG A 202 -20.75 -25.10 10.61
CA ARG A 202 -20.39 -26.47 10.25
C ARG A 202 -21.50 -27.12 9.43
N ALA A 203 -22.74 -26.86 9.78
CA ALA A 203 -23.85 -27.50 9.07
C ALA A 203 -24.07 -26.87 7.71
N HIS A 204 -23.92 -25.55 7.61
CA HIS A 204 -24.24 -24.85 6.36
C HIS A 204 -23.22 -25.14 5.26
N THR A 205 -21.93 -25.19 5.59
CA THR A 205 -20.88 -25.50 4.62
C THR A 205 -19.90 -26.47 5.26
N PRO A 206 -20.25 -27.76 5.31
CA PRO A 206 -19.38 -28.73 6.00
C PRO A 206 -18.03 -28.94 5.35
N GLY A 207 -17.86 -28.61 4.07
CA GLY A 207 -16.59 -28.84 3.43
C GLY A 207 -15.55 -27.74 3.55
N LEU A 208 -15.80 -26.67 4.34
CA LEU A 208 -14.84 -25.57 4.32
C LEU A 208 -14.04 -25.52 5.62
N PRO A 209 -12.79 -25.04 5.59
CA PRO A 209 -12.08 -24.79 6.85
C PRO A 209 -12.92 -23.87 7.74
N CYS A 210 -12.87 -24.12 9.05
CA CYS A 210 -13.74 -23.40 9.98
C CYS A 210 -12.92 -22.94 11.19
N GLU A 211 -12.91 -21.63 11.42
CA GLU A 211 -12.26 -21.03 12.56
C GLU A 211 -13.26 -20.14 13.27
N VAL A 212 -13.19 -20.08 14.60
CA VAL A 212 -14.09 -19.24 15.39
C VAL A 212 -13.25 -18.32 16.27
N GLU A 213 -13.52 -17.03 16.17
CA GLU A 213 -12.85 -16.01 16.97
C GLU A 213 -13.62 -15.77 18.26
N VAL A 214 -12.91 -15.80 19.38
CA VAL A 214 -13.55 -15.56 20.67
C VAL A 214 -12.86 -14.38 21.35
N THR A 215 -13.64 -13.66 22.18
CA THR A 215 -13.13 -12.54 22.95
C THR A 215 -13.05 -12.82 24.45
N THR A 216 -13.57 -13.95 24.92
CA THR A 216 -13.53 -14.29 26.33
C THR A 216 -13.19 -15.77 26.50
N LEU A 217 -12.71 -16.11 27.70
CA LEU A 217 -12.41 -17.50 28.01
C LEU A 217 -13.68 -18.34 28.12
N ALA A 218 -14.81 -17.70 28.47
CA ALA A 218 -16.08 -18.40 28.51
C ALA A 218 -16.50 -18.87 27.11
N GLU A 219 -16.38 -18.00 26.11
CA GLU A 219 -16.64 -18.43 24.73
C GLU A 219 -15.69 -19.54 24.32
N LEU A 220 -14.43 -19.44 24.75
CA LEU A 220 -13.46 -20.48 24.42
C LEU A 220 -13.90 -21.83 24.97
N ASP A 221 -14.41 -21.86 26.21
CA ASP A 221 -14.83 -23.14 26.78
C ASP A 221 -15.93 -23.78 25.93
N GLU A 222 -16.87 -22.96 25.43
CA GLU A 222 -17.94 -23.48 24.60
C GLU A 222 -17.40 -24.17 23.36
N VAL A 223 -16.51 -23.48 22.61
CA VAL A 223 -16.09 -24.06 21.34
C VAL A 223 -15.12 -25.21 21.54
N LEU A 224 -14.36 -25.21 22.64
CA LEU A 224 -13.56 -26.40 22.96
C LEU A 224 -14.48 -27.59 23.25
N ALA A 225 -15.56 -27.36 24.00
CA ALA A 225 -16.50 -28.44 24.29
C ALA A 225 -17.12 -29.01 23.02
N LEU A 226 -17.19 -28.23 21.96
CA LEU A 226 -17.67 -28.71 20.67
C LEU A 226 -16.53 -29.11 19.74
N GLY A 227 -15.30 -29.21 20.24
CA GLY A 227 -14.21 -29.70 19.41
C GLY A 227 -13.90 -28.86 18.19
N ALA A 228 -13.98 -27.52 18.30
CA ALA A 228 -13.56 -26.65 17.21
C ALA A 228 -12.14 -26.99 16.77
N ASP A 229 -11.90 -26.95 15.45
CA ASP A 229 -10.57 -27.22 14.90
C ASP A 229 -9.58 -26.09 15.19
N GLU A 230 -10.07 -24.85 15.21
CA GLU A 230 -9.18 -23.70 15.23
C GLU A 230 -9.93 -22.53 15.84
N VAL A 231 -9.31 -21.88 16.82
CA VAL A 231 -9.92 -20.78 17.57
C VAL A 231 -8.99 -19.59 17.51
N MET A 232 -9.52 -18.44 17.13
CA MET A 232 -8.76 -17.19 17.12
C MET A 232 -9.01 -16.48 18.45
N LEU A 233 -7.93 -16.17 19.18
CA LEU A 233 -8.03 -15.50 20.49
C LEU A 233 -7.87 -13.99 20.29
N ASP A 234 -8.97 -13.26 20.43
CA ASP A 234 -9.03 -11.86 20.03
C ASP A 234 -8.68 -10.95 21.22
N ASN A 235 -7.53 -10.27 21.13
CA ASN A 235 -7.09 -9.31 22.15
C ASN A 235 -6.98 -9.96 23.53
N PHE A 236 -6.37 -11.13 23.57
CA PHE A 236 -6.03 -11.76 24.84
C PHE A 236 -4.69 -11.20 25.34
N THR A 237 -4.56 -11.03 26.65
CA THR A 237 -3.25 -10.75 27.21
C THR A 237 -2.39 -12.01 27.17
N VAL A 238 -1.09 -11.85 27.44
CA VAL A 238 -0.18 -13.00 27.43
C VAL A 238 -0.63 -14.04 28.46
N GLU A 239 -1.05 -13.58 29.63
CA GLU A 239 -1.51 -14.50 30.68
C GLU A 239 -2.82 -15.19 30.27
N GLN A 240 -3.71 -14.49 29.56
CA GLN A 240 -4.93 -15.16 29.09
C GLN A 240 -4.60 -16.20 28.03
N CYS A 241 -3.57 -15.97 27.22
CA CYS A 241 -3.16 -16.99 26.26
C CYS A 241 -2.65 -18.23 26.98
N VAL A 242 -1.83 -18.05 28.03
CA VAL A 242 -1.35 -19.19 28.81
C VAL A 242 -2.55 -20.00 29.34
N GLU A 243 -3.55 -19.31 29.88
CA GLU A 243 -4.76 -19.99 30.36
C GLU A 243 -5.50 -20.67 29.20
N ALA A 244 -5.68 -19.94 28.08
CA ALA A 244 -6.32 -20.54 26.91
C ALA A 244 -5.58 -21.81 26.46
N VAL A 245 -4.25 -21.77 26.42
CA VAL A 245 -3.47 -22.94 26.02
C VAL A 245 -3.64 -24.07 27.04
N ARG A 246 -3.70 -23.72 28.33
CA ARG A 246 -3.92 -24.72 29.37
C ARG A 246 -5.24 -25.44 29.17
N ARG A 247 -6.32 -24.68 28.94
CA ARG A 247 -7.62 -25.30 28.70
C ARG A 247 -7.63 -26.11 27.41
N ARG A 248 -6.95 -25.61 26.36
CA ARG A 248 -6.84 -26.39 25.12
C ARG A 248 -6.14 -27.72 25.37
N ASP A 249 -5.02 -27.70 26.09
CA ASP A 249 -4.27 -28.94 26.30
C ASP A 249 -5.07 -29.94 27.12
N ALA A 250 -5.91 -29.46 28.05
CA ALA A 250 -6.73 -30.35 28.86
C ALA A 250 -7.94 -30.88 28.11
N ALA A 251 -8.50 -30.11 27.18
CA ALA A 251 -9.63 -30.62 26.41
C ALA A 251 -9.22 -31.77 25.51
N ARG A 252 -7.92 -31.93 25.25
CA ARG A 252 -7.37 -33.01 24.41
C ARG A 252 -8.11 -33.14 23.08
N THR A 253 -8.68 -32.02 22.61
CA THR A 253 -9.20 -31.94 21.26
C THR A 253 -8.13 -31.50 20.27
N ARG A 254 -7.03 -30.94 20.77
CA ARG A 254 -5.97 -30.39 19.94
C ARG A 254 -6.54 -29.45 18.87
N THR A 255 -7.33 -28.52 19.37
CA THR A 255 -7.69 -27.30 18.67
C THR A 255 -6.46 -26.43 18.46
N ARG A 256 -6.28 -25.89 17.24
CA ARG A 256 -5.25 -24.89 17.03
C ARG A 256 -5.70 -23.55 17.59
N LEU A 257 -4.77 -22.83 18.21
CA LEU A 257 -5.04 -21.50 18.75
C LEU A 257 -4.26 -20.46 17.96
N GLU A 258 -4.94 -19.37 17.60
CA GLU A 258 -4.36 -18.28 16.80
C GLU A 258 -4.62 -16.98 17.54
N ALA A 259 -3.56 -16.33 18.02
CA ALA A 259 -3.73 -15.04 18.69
C ALA A 259 -3.81 -13.90 17.66
N SER A 260 -4.64 -12.92 17.96
CA SER A 260 -4.85 -11.80 17.05
C SER A 260 -5.35 -10.59 17.83
N GLY A 261 -5.01 -9.41 17.34
CA GLY A 261 -5.44 -8.17 17.96
C GLY A 261 -4.56 -7.79 19.13
N GLY A 262 -4.17 -6.51 19.19
CA GLY A 262 -3.28 -6.05 20.24
C GLY A 262 -1.84 -6.48 20.13
N LEU A 263 -1.41 -6.96 18.95
CA LEU A 263 -0.07 -7.52 18.80
C LEU A 263 0.86 -6.51 18.16
N THR A 264 2.09 -6.45 18.68
CA THR A 264 3.17 -5.67 18.09
C THR A 264 4.41 -6.55 18.05
N LEU A 265 5.38 -6.12 17.24
CA LEU A 265 6.58 -6.92 17.06
C LEU A 265 7.35 -7.10 18.36
N ASP A 266 7.29 -6.14 19.26
CA ASP A 266 8.04 -6.29 20.50
C ASP A 266 7.40 -7.27 21.50
N VAL A 267 6.14 -7.67 21.34
CA VAL A 267 5.54 -8.69 22.19
C VAL A 267 5.37 -10.02 21.47
N ALA A 268 5.82 -10.13 20.22
CA ALA A 268 5.53 -11.33 19.44
C ALA A 268 6.18 -12.58 20.04
N ALA A 269 7.41 -12.45 20.53
CA ALA A 269 8.08 -13.60 21.12
C ALA A 269 7.41 -14.02 22.42
N ALA A 270 6.95 -13.05 23.21
CA ALA A 270 6.23 -13.38 24.44
C ALA A 270 4.98 -14.20 24.14
N TYR A 271 4.18 -13.79 23.15
CA TYR A 271 2.98 -14.54 22.81
C TYR A 271 3.33 -15.93 22.31
N ALA A 272 4.33 -16.05 21.43
CA ALA A 272 4.70 -17.36 20.93
C ALA A 272 5.13 -18.30 22.04
N ARG A 273 5.72 -17.76 23.11
CA ARG A 273 6.18 -18.60 24.21
C ARG A 273 5.02 -19.18 25.02
N THR A 274 3.83 -18.58 24.95
CA THR A 274 2.66 -19.15 25.63
C THR A 274 2.25 -20.50 25.04
N GLY A 275 2.65 -20.80 23.82
CA GLY A 275 2.27 -22.05 23.19
C GLY A 275 1.13 -21.95 22.19
N VAL A 276 0.62 -20.76 21.89
CA VAL A 276 -0.32 -20.62 20.78
C VAL A 276 0.38 -21.05 19.49
N ASP A 277 -0.40 -21.55 18.55
CA ASP A 277 0.18 -22.09 17.31
C ASP A 277 0.43 -21.03 16.25
N LEU A 278 -0.31 -19.92 16.26
CA LEU A 278 -0.28 -18.95 15.18
C LEU A 278 -0.48 -17.54 15.74
N LEU A 279 0.10 -16.57 15.06
CA LEU A 279 -0.26 -15.16 15.25
C LEU A 279 -0.83 -14.65 13.94
N ALA A 280 -1.96 -13.95 14.01
CA ALA A 280 -2.59 -13.33 12.84
C ALA A 280 -2.31 -11.84 12.93
N VAL A 281 -1.65 -11.30 11.90
CA VAL A 281 -1.11 -9.94 11.95
C VAL A 281 -1.60 -9.17 10.72
N GLY A 282 -2.45 -8.17 10.94
CA GLY A 282 -2.92 -7.36 9.83
C GLY A 282 -1.85 -6.46 9.25
N ALA A 283 -0.96 -5.94 10.11
CA ALA A 283 0.03 -4.95 9.71
C ALA A 283 0.98 -5.45 8.63
N LEU A 284 1.16 -6.77 8.51
CA LEU A 284 2.00 -7.34 7.47
C LEU A 284 1.65 -6.77 6.10
N THR A 285 0.35 -6.56 5.84
CA THR A 285 -0.09 -6.06 4.55
C THR A 285 -0.61 -4.63 4.59
N HIS A 286 -1.23 -4.18 5.68
CA HIS A 286 -1.75 -2.82 5.68
C HIS A 286 -0.76 -1.76 6.18
N SER A 287 0.36 -2.14 6.81
CA SER A 287 1.32 -1.14 7.30
C SER A 287 2.75 -1.65 7.14
N ALA A 288 3.08 -2.14 5.95
CA ALA A 288 4.44 -2.59 5.68
C ALA A 288 5.22 -1.47 5.01
N PRO A 289 6.24 -0.89 5.65
CA PRO A 289 7.03 0.14 4.97
C PRO A 289 7.73 -0.45 3.74
N ALA A 290 7.81 0.35 2.68
CA ALA A 290 8.45 -0.13 1.46
C ALA A 290 9.93 -0.39 1.72
N LEU A 291 10.47 -1.38 1.03
CA LEU A 291 11.91 -1.57 0.99
C LEU A 291 12.48 -0.66 -0.08
N ASP A 292 13.56 0.04 0.23
CA ASP A 292 14.11 1.06 -0.67
C ASP A 292 15.01 0.38 -1.68
N LEU A 293 14.49 0.15 -2.88
CA LEU A 293 15.29 -0.30 -4.01
C LEU A 293 15.26 0.78 -5.08
N GLY A 294 16.37 0.90 -5.82
CA GLY A 294 16.46 1.86 -6.90
C GLY A 294 16.93 1.19 -8.17
N LEU A 295 16.71 1.87 -9.28
CA LEU A 295 17.18 1.43 -10.59
C LEU A 295 18.20 2.45 -11.08
N ASP A 296 19.43 1.98 -11.36
CA ASP A 296 20.52 2.87 -11.73
C ASP A 296 21.09 2.46 -13.08
N PHE A 297 21.23 3.43 -13.98
CA PHE A 297 21.79 3.17 -15.29
C PHE A 297 23.31 3.01 -15.19
N ALA A 298 23.86 2.18 -16.07
CA ALA A 298 25.32 2.01 -16.13
C ALA A 298 25.98 3.31 -16.57
N PRO A 299 27.09 3.72 -15.93
CA PRO A 299 27.76 5.01 -16.13
C PRO A 299 28.41 5.19 -17.50
N GLU B 4 -23.90 -3.34 -10.91
CA GLU B 4 -22.51 -2.91 -10.79
C GLU B 4 -22.35 -1.41 -11.12
N ALA B 5 -23.45 -0.68 -10.99
CA ALA B 5 -23.46 0.78 -11.02
C ALA B 5 -24.04 1.31 -9.73
N TRP B 6 -23.53 2.44 -9.27
CA TRP B 6 -24.05 3.04 -8.05
C TRP B 6 -24.97 4.21 -8.38
N SER B 7 -25.50 4.82 -7.34
CA SER B 7 -26.57 5.78 -7.48
C SER B 7 -26.05 7.12 -8.01
N PRO B 8 -26.95 7.96 -8.52
CA PRO B 8 -26.54 9.34 -8.83
C PRO B 8 -26.04 10.10 -7.62
N ALA B 9 -26.63 9.87 -6.44
CA ALA B 9 -26.15 10.54 -5.24
C ALA B 9 -24.67 10.25 -4.99
N THR B 10 -24.19 9.07 -5.37
CA THR B 10 -22.79 8.75 -5.15
C THR B 10 -21.89 9.43 -6.17
N ASP B 11 -22.28 9.38 -7.44
CA ASP B 11 -21.56 10.17 -8.45
C ASP B 11 -21.45 11.62 -8.03
N GLU B 12 -22.54 12.17 -7.46
CA GLU B 12 -22.51 13.56 -7.01
C GLU B 12 -21.53 13.74 -5.86
N ARG B 13 -21.61 12.88 -4.85
CA ARG B 13 -20.66 12.91 -3.72
C ARG B 13 -19.20 12.86 -4.20
N LEU B 14 -18.88 11.92 -5.09
CA LEU B 14 -17.50 11.79 -5.55
C LEU B 14 -17.04 13.04 -6.28
N ARG B 15 -17.90 13.60 -7.14
CA ARG B 15 -17.56 14.82 -7.86
C ARG B 15 -17.39 16.00 -6.90
N ALA B 16 -18.30 16.15 -5.92
CA ALA B 16 -18.16 17.27 -4.99
C ALA B 16 -16.83 17.19 -4.24
N ALA B 17 -16.32 15.98 -3.99
CA ALA B 17 -15.07 15.84 -3.27
C ALA B 17 -13.84 16.03 -4.15
N GLY B 18 -14.02 16.13 -5.46
CA GLY B 18 -12.88 16.12 -6.34
C GLY B 18 -12.25 14.76 -6.58
N ILE B 19 -13.02 13.67 -6.42
CA ILE B 19 -12.54 12.30 -6.64
C ILE B 19 -12.89 11.88 -8.07
N ASP B 20 -11.92 11.34 -8.79
CA ASP B 20 -12.18 10.79 -10.12
C ASP B 20 -13.10 9.57 -9.99
N ALA B 21 -14.30 9.65 -10.57
CA ALA B 21 -15.32 8.65 -10.30
C ALA B 21 -15.08 7.34 -11.07
N GLU B 22 -14.58 7.43 -12.29
CA GLU B 22 -14.28 6.21 -13.04
C GLU B 22 -13.12 5.45 -12.41
N ASP B 23 -12.08 6.16 -11.95
CA ASP B 23 -11.00 5.47 -11.23
C ASP B 23 -11.52 4.85 -9.94
N ALA B 24 -12.33 5.59 -9.18
CA ALA B 24 -12.90 5.07 -7.94
C ALA B 24 -13.77 3.84 -8.19
N ARG B 25 -14.55 3.85 -9.28
CA ARG B 25 -15.35 2.67 -9.61
C ARG B 25 -14.45 1.47 -9.87
N ARG B 26 -13.37 1.66 -10.63
CA ARG B 26 -12.45 0.55 -10.90
C ARG B 26 -11.89 0.00 -9.59
N VAL B 27 -11.46 0.88 -8.69
CA VAL B 27 -10.87 0.45 -7.42
C VAL B 27 -11.89 -0.33 -6.58
N VAL B 28 -13.12 0.19 -6.49
CA VAL B 28 -14.14 -0.42 -5.64
C VAL B 28 -14.56 -1.79 -6.20
N VAL B 29 -14.85 -1.85 -7.50
CA VAL B 29 -15.31 -3.10 -8.11
C VAL B 29 -14.21 -4.15 -8.03
N THR B 30 -12.97 -3.75 -8.31
CA THR B 30 -11.85 -4.69 -8.21
C THR B 30 -11.72 -5.21 -6.79
N ALA B 31 -11.81 -4.32 -5.80
CA ALA B 31 -11.63 -4.73 -4.40
C ALA B 31 -12.74 -5.66 -3.95
N LEU B 32 -13.99 -5.40 -4.36
CA LEU B 32 -15.08 -6.30 -4.00
C LEU B 32 -14.90 -7.68 -4.62
N GLU B 33 -14.48 -7.72 -5.89
CA GLU B 33 -14.20 -9.00 -6.56
C GLU B 33 -13.13 -9.80 -5.82
N GLU B 34 -12.09 -9.14 -5.30
CA GLU B 34 -11.08 -9.83 -4.52
C GLU B 34 -11.70 -10.59 -3.34
N ASP B 35 -12.75 -10.03 -2.73
CA ASP B 35 -13.37 -10.64 -1.56
C ASP B 35 -14.48 -11.63 -1.91
N LEU B 36 -15.10 -11.49 -3.07
CA LEU B 36 -16.29 -12.25 -3.43
C LEU B 36 -16.04 -13.32 -4.49
N ARG B 37 -14.82 -13.42 -5.04
CA ARG B 37 -14.60 -14.34 -6.14
C ARG B 37 -14.60 -15.80 -5.70
N TYR B 38 -14.50 -16.09 -4.41
CA TYR B 38 -14.51 -17.46 -3.93
C TYR B 38 -15.90 -17.95 -3.53
N GLY B 39 -16.94 -17.14 -3.72
CA GLY B 39 -18.27 -17.50 -3.30
C GLY B 39 -18.83 -16.48 -2.30
N ALA B 40 -20.03 -16.79 -1.83
CA ALA B 40 -20.76 -15.89 -0.95
C ALA B 40 -20.13 -15.85 0.44
N ASP B 41 -20.57 -14.88 1.25
CA ASP B 41 -20.18 -14.77 2.65
C ASP B 41 -20.81 -15.94 3.41
N VAL B 42 -20.15 -17.09 3.35
CA VAL B 42 -20.68 -18.32 3.95
C VAL B 42 -20.84 -18.17 5.46
N THR B 43 -19.95 -17.43 6.13
CA THR B 43 -20.06 -17.27 7.58
C THR B 43 -21.35 -16.54 7.96
N SER B 44 -21.62 -15.40 7.33
CA SER B 44 -22.81 -14.65 7.66
C SER B 44 -24.07 -15.36 7.18
N ASP B 45 -23.99 -16.04 6.03
CA ASP B 45 -25.19 -16.73 5.52
C ASP B 45 -25.66 -17.80 6.48
N ALA B 46 -24.74 -18.42 7.22
CA ALA B 46 -25.10 -19.45 8.19
C ALA B 46 -25.62 -18.88 9.51
N THR B 47 -25.29 -17.64 9.85
CA THR B 47 -25.54 -17.17 11.20
C THR B 47 -26.39 -15.90 11.32
N VAL B 48 -26.52 -15.12 10.25
CA VAL B 48 -27.19 -13.82 10.31
C VAL B 48 -28.49 -13.93 9.56
N PRO B 49 -29.63 -13.55 10.15
CA PRO B 49 -30.91 -13.62 9.42
C PRO B 49 -30.89 -12.77 8.16
N ALA B 50 -31.54 -13.28 7.12
CA ALA B 50 -31.59 -12.58 5.84
C ALA B 50 -32.31 -11.24 5.95
N ASP B 51 -33.29 -11.12 6.83
CA ASP B 51 -34.05 -9.87 6.98
C ASP B 51 -33.43 -8.93 8.00
N ALA B 52 -32.30 -9.29 8.59
CA ALA B 52 -31.76 -8.48 9.67
C ALA B 52 -31.27 -7.14 9.13
N VAL B 53 -31.49 -6.09 9.92
CA VAL B 53 -31.09 -4.71 9.61
C VAL B 53 -30.38 -4.16 10.84
N THR B 54 -29.33 -3.36 10.63
CA THR B 54 -28.64 -2.78 11.77
C THR B 54 -28.04 -1.41 11.42
N GLU B 55 -27.90 -0.59 12.44
CA GLU B 55 -27.09 0.61 12.38
C GLU B 55 -25.65 0.26 12.70
N ALA B 56 -24.73 0.96 12.06
CA ALA B 56 -23.30 0.70 12.19
C ALA B 56 -22.56 2.03 12.27
N VAL B 57 -21.47 2.04 13.02
CA VAL B 57 -20.69 3.24 13.27
C VAL B 57 -19.25 2.98 12.84
N VAL B 58 -18.72 3.87 12.00
CA VAL B 58 -17.29 3.90 11.73
C VAL B 58 -16.66 4.88 12.71
N ALA B 59 -15.74 4.40 13.54
CA ALA B 59 -15.11 5.26 14.54
C ALA B 59 -13.60 5.05 14.54
N SER B 60 -12.88 6.12 14.86
CA SER B 60 -11.43 6.06 14.90
C SER B 60 -10.96 5.58 16.27
N ARG B 61 -9.98 4.68 16.26
CA ARG B 61 -9.31 4.31 17.51
C ARG B 61 -8.08 5.16 17.79
N GLN B 62 -7.61 5.94 16.82
CA GLN B 62 -6.39 6.71 16.96
C GLN B 62 -6.63 8.11 16.41
N PRO B 63 -5.80 9.08 16.82
CA PRO B 63 -5.93 10.41 16.23
C PRO B 63 -5.38 10.45 14.81
N GLY B 64 -6.05 11.20 13.95
CA GLY B 64 -5.57 11.33 12.58
C GLY B 64 -6.51 12.17 11.76
N VAL B 65 -6.31 12.11 10.45
CA VAL B 65 -7.08 12.86 9.47
C VAL B 65 -7.87 11.87 8.63
N LEU B 66 -9.15 12.18 8.43
CA LEU B 66 -10.03 11.33 7.63
C LEU B 66 -9.84 11.56 6.14
N ALA B 67 -9.86 10.47 5.37
CA ALA B 67 -9.86 10.57 3.91
C ALA B 67 -10.43 9.28 3.34
N GLY B 68 -11.23 9.42 2.28
CA GLY B 68 -11.83 8.27 1.62
C GLY B 68 -13.29 7.99 1.96
N LEU B 69 -13.92 8.81 2.80
CA LEU B 69 -15.31 8.52 3.20
C LEU B 69 -16.29 8.46 2.04
N PRO B 70 -16.27 9.36 1.05
CA PRO B 70 -17.15 9.18 -0.11
C PRO B 70 -16.90 7.87 -0.86
N VAL B 71 -15.66 7.38 -0.89
CA VAL B 71 -15.40 6.11 -1.57
C VAL B 71 -15.95 4.95 -0.76
N ALA B 72 -15.77 4.97 0.56
CA ALA B 72 -16.38 3.94 1.40
C ALA B 72 -17.89 3.90 1.23
N LEU B 73 -18.54 5.06 1.10
CA LEU B 73 -19.98 5.06 0.87
C LEU B 73 -20.34 4.53 -0.52
N ALA B 74 -19.48 4.75 -1.51
CA ALA B 74 -19.71 4.15 -2.82
C ALA B 74 -19.67 2.63 -2.75
N VAL B 75 -18.77 2.07 -1.94
CA VAL B 75 -18.75 0.62 -1.72
C VAL B 75 -20.11 0.16 -1.18
N LEU B 76 -20.59 0.81 -0.13
CA LEU B 76 -21.84 0.41 0.48
C LEU B 76 -23.01 0.59 -0.48
N ASP B 77 -23.00 1.68 -1.25
CA ASP B 77 -24.02 1.92 -2.27
C ASP B 77 -24.09 0.75 -3.26
N LEU B 78 -22.95 0.35 -3.82
CA LEU B 78 -22.91 -0.79 -4.73
C LEU B 78 -23.44 -2.06 -4.07
N VAL B 79 -22.97 -2.38 -2.87
CA VAL B 79 -23.31 -3.67 -2.28
C VAL B 79 -24.80 -3.74 -1.95
N THR B 80 -25.38 -2.64 -1.47
CA THR B 80 -26.78 -2.60 -1.08
C THR B 80 -27.73 -2.24 -2.23
N GLY B 81 -27.20 -1.91 -3.41
CA GLY B 81 -28.03 -1.33 -4.45
C GLY B 81 -28.72 -0.05 -4.05
N GLY B 82 -28.08 0.79 -3.22
CA GLY B 82 -28.68 2.04 -2.81
C GLY B 82 -29.55 1.95 -1.58
N ARG B 83 -29.75 0.77 -1.00
CA ARG B 83 -30.62 0.63 0.18
C ARG B 83 -29.79 0.80 1.45
N PHE B 84 -29.55 2.06 1.80
CA PHE B 84 -28.84 2.37 3.04
C PHE B 84 -29.20 3.80 3.44
N GLU B 85 -29.15 4.07 4.74
CA GLU B 85 -29.46 5.39 5.28
C GLU B 85 -28.25 5.94 6.00
N VAL B 86 -27.88 7.18 5.70
CA VAL B 86 -26.81 7.87 6.42
C VAL B 86 -27.45 8.77 7.46
N ALA B 87 -27.07 8.59 8.73
CA ALA B 87 -27.51 9.44 9.81
C ALA B 87 -26.50 10.51 10.20
N GLU B 88 -25.21 10.24 10.04
N GLU B 88 -25.22 10.29 9.92
CA GLU B 88 -24.14 11.13 10.49
CA GLU B 88 -24.19 11.19 10.44
C GLU B 88 -22.95 10.92 9.57
C GLU B 88 -22.88 10.91 9.72
N CYS B 89 -22.16 11.97 9.37
CA CYS B 89 -20.90 11.82 8.66
C CYS B 89 -20.01 13.02 8.89
N ARG B 90 -18.71 12.76 9.07
CA ARG B 90 -17.69 13.78 9.00
C ARG B 90 -17.20 13.93 7.56
N ALA B 91 -16.39 14.95 7.32
CA ALA B 91 -15.88 15.24 5.99
C ALA B 91 -14.41 14.85 5.90
N ASP B 92 -14.00 14.39 4.71
CA ASP B 92 -12.58 14.14 4.45
C ASP B 92 -11.77 15.39 4.76
N GLY B 93 -10.65 15.19 5.45
CA GLY B 93 -9.84 16.31 5.91
C GLY B 93 -10.11 16.74 7.34
N ASP B 94 -11.23 16.30 7.92
CA ASP B 94 -11.48 16.56 9.34
C ASP B 94 -10.46 15.82 10.21
N ARG B 95 -10.09 16.46 11.30
CA ARG B 95 -9.23 15.83 12.30
C ARG B 95 -10.10 15.00 13.22
N LEU B 96 -9.70 13.76 13.46
CA LEU B 96 -10.43 12.86 14.34
C LEU B 96 -9.57 12.52 15.54
N GLY B 97 -10.22 12.30 16.69
CA GLY B 97 -9.57 11.75 17.85
C GLY B 97 -10.15 10.38 18.18
N PRO B 98 -9.57 9.68 19.15
CA PRO B 98 -10.07 8.34 19.47
C PRO B 98 -11.54 8.39 19.91
N GLY B 99 -12.32 7.45 19.36
CA GLY B 99 -13.73 7.40 19.62
C GLY B 99 -14.59 8.33 18.79
N ASP B 100 -14.01 9.29 18.06
CA ASP B 100 -14.83 10.14 17.21
C ASP B 100 -15.49 9.31 16.11
N VAL B 101 -16.74 9.63 15.83
CA VAL B 101 -17.57 8.90 14.88
C VAL B 101 -17.45 9.56 13.51
N ALA B 102 -16.90 8.82 12.53
CA ALA B 102 -16.78 9.35 11.18
C ALA B 102 -18.05 9.16 10.38
N LEU B 103 -18.88 8.18 10.73
CA LEU B 103 -19.98 7.79 9.87
C LEU B 103 -20.95 6.93 10.68
N ARG B 104 -22.24 7.15 10.47
CA ARG B 104 -23.29 6.32 11.06
C ARG B 104 -24.30 5.98 9.98
N VAL B 105 -24.47 4.69 9.69
CA VAL B 105 -25.29 4.22 8.58
C VAL B 105 -26.20 3.09 9.06
N THR B 106 -27.28 2.89 8.32
CA THR B 106 -28.18 1.77 8.54
C THR B 106 -28.32 1.01 7.24
N ALA B 107 -28.18 -0.31 7.29
CA ALA B 107 -28.35 -1.14 6.10
C ALA B 107 -28.63 -2.57 6.56
N ALA B 108 -29.04 -3.40 5.60
CA ALA B 108 -29.18 -4.84 5.84
C ALA B 108 -27.89 -5.40 6.41
N THR B 109 -28.02 -6.22 7.46
CA THR B 109 -26.85 -6.67 8.19
C THR B 109 -25.92 -7.49 7.31
N ARG B 110 -26.46 -8.41 6.51
CA ARG B 110 -25.60 -9.21 5.64
C ARG B 110 -24.85 -8.33 4.64
N GLU B 111 -25.47 -7.24 4.19
CA GLU B 111 -24.80 -6.40 3.21
C GLU B 111 -23.70 -5.56 3.87
N LEU B 112 -23.89 -5.14 5.11
CA LEU B 112 -22.80 -4.47 5.82
C LEU B 112 -21.63 -5.43 6.03
N LEU B 113 -21.92 -6.69 6.34
CA LEU B 113 -20.84 -7.65 6.60
C LEU B 113 -20.07 -7.98 5.32
N VAL B 114 -20.72 -7.91 4.16
CA VAL B 114 -20.00 -8.05 2.90
C VAL B 114 -19.19 -6.80 2.59
N ALA B 115 -19.75 -5.62 2.88
CA ALA B 115 -19.13 -4.36 2.48
C ALA B 115 -17.98 -3.94 3.40
N GLU B 116 -18.00 -4.34 4.68
CA GLU B 116 -17.24 -3.59 5.67
C GLU B 116 -15.72 -3.67 5.46
N ARG B 117 -15.18 -4.83 5.09
CA ARG B 117 -13.72 -4.91 5.05
C ARG B 117 -13.17 -4.12 3.86
N THR B 118 -13.87 -4.15 2.72
CA THR B 118 -13.50 -3.29 1.59
C THR B 118 -13.58 -1.82 1.96
N MET B 119 -14.68 -1.41 2.62
CA MET B 119 -14.82 -0.03 3.08
C MET B 119 -13.64 0.37 3.97
N LEU B 120 -13.30 -0.49 4.93
CA LEU B 120 -12.25 -0.18 5.90
C LEU B 120 -10.84 -0.27 5.30
N ASN B 121 -10.58 -1.22 4.39
CA ASN B 121 -9.28 -1.24 3.74
C ASN B 121 -9.01 0.08 3.00
N LEU B 122 -10.02 0.58 2.28
CA LEU B 122 -9.88 1.88 1.62
C LEU B 122 -9.77 3.02 2.64
N LEU B 123 -10.69 3.06 3.59
CA LEU B 123 -10.74 4.17 4.54
C LEU B 123 -9.49 4.23 5.40
N CYS B 124 -9.01 3.09 5.90
CA CYS B 124 -7.83 3.10 6.76
C CYS B 124 -6.57 3.44 5.97
N HIS B 125 -6.47 3.00 4.72
CA HIS B 125 -5.29 3.33 3.95
C HIS B 125 -5.26 4.81 3.60
N LEU B 126 -6.36 5.33 3.06
CA LEU B 126 -6.35 6.73 2.62
C LEU B 126 -6.23 7.68 3.80
N SER B 127 -6.95 7.41 4.90
CA SER B 127 -6.76 8.21 6.12
C SER B 127 -5.34 8.10 6.66
N GLY B 128 -4.69 6.94 6.49
CA GLY B 128 -3.31 6.81 6.89
C GLY B 128 -2.40 7.73 6.09
N VAL B 129 -2.63 7.81 4.78
CA VAL B 129 -1.90 8.74 3.91
C VAL B 129 -2.14 10.18 4.35
N ALA B 130 -3.40 10.54 4.59
CA ALA B 130 -3.70 11.92 4.98
C ALA B 130 -3.11 12.23 6.36
N THR B 131 -3.12 11.24 7.25
CA THR B 131 -2.61 11.43 8.61
C THR B 131 -1.11 11.65 8.60
N LEU B 132 -0.36 10.85 7.83
CA LEU B 132 1.09 11.04 7.74
C LEU B 132 1.42 12.37 7.06
N THR B 133 0.68 12.73 6.02
CA THR B 133 0.90 14.02 5.38
C THR B 133 0.72 15.15 6.38
N ALA B 134 -0.29 15.06 7.23
CA ALA B 134 -0.55 16.10 8.21
C ALA B 134 0.58 16.21 9.23
N ARG B 135 1.19 15.08 9.60
CA ARG B 135 2.33 15.14 10.51
C ARG B 135 3.51 15.85 9.85
N TRP B 136 3.75 15.59 8.55
CA TRP B 136 4.80 16.32 7.86
C TRP B 136 4.48 17.81 7.81
N ASN B 137 3.23 18.14 7.53
CA ASN B 137 2.82 19.53 7.55
C ASN B 137 3.06 20.18 8.91
N ASP B 138 2.76 19.45 9.99
CA ASP B 138 2.98 20.01 11.33
C ASP B 138 4.46 20.29 11.58
N ALA B 139 5.33 19.39 11.14
CA ALA B 139 6.77 19.60 11.32
C ALA B 139 7.27 20.81 10.55
N LEU B 140 6.56 21.21 9.49
CA LEU B 140 6.92 22.35 8.67
C LEU B 140 6.23 23.63 9.07
N ALA B 141 5.40 23.58 10.12
CA ALA B 141 4.73 24.78 10.59
C ALA B 141 5.75 25.80 11.08
N GLY B 142 5.47 27.07 10.83
CA GLY B 142 6.39 28.15 11.15
C GLY B 142 7.41 28.45 10.08
N THR B 143 7.39 27.72 8.97
CA THR B 143 8.28 27.95 7.83
C THR B 143 7.42 28.16 6.59
N HIS B 144 8.07 28.48 5.49
CA HIS B 144 7.39 28.55 4.20
C HIS B 144 7.54 27.26 3.40
N CYS B 145 8.28 26.30 3.94
CA CYS B 145 8.46 25.02 3.27
C CYS B 145 7.16 24.23 3.25
N LYS B 146 6.84 23.62 2.11
CA LYS B 146 5.66 22.77 1.98
C LYS B 146 6.08 21.33 1.64
N VAL B 147 5.20 20.38 1.93
CA VAL B 147 5.47 18.98 1.64
C VAL B 147 4.72 18.59 0.37
N ARG B 148 5.35 17.77 -0.46
CA ARG B 148 4.65 17.23 -1.62
C ARG B 148 4.92 15.73 -1.74
N ASP B 149 4.07 15.07 -2.51
CA ASP B 149 4.17 13.63 -2.77
C ASP B 149 4.92 13.40 -4.09
N SER B 150 4.73 12.23 -4.69
CA SER B 150 5.56 11.77 -5.80
C SER B 150 4.79 10.72 -6.58
N ARG B 151 5.45 10.11 -7.57
CA ARG B 151 4.88 8.99 -8.30
C ARG B 151 5.19 7.65 -7.64
N LYS B 152 5.73 7.66 -6.43
CA LYS B 152 5.96 6.42 -5.68
C LYS B 152 4.66 6.00 -4.96
N THR B 153 3.65 5.76 -5.77
CA THR B 153 2.34 5.37 -5.27
C THR B 153 2.15 3.87 -5.39
N LEU B 154 1.26 3.34 -4.58
CA LEU B 154 0.95 1.92 -4.69
C LEU B 154 0.20 1.66 -6.00
N PRO B 155 0.53 0.59 -6.72
CA PRO B 155 -0.06 0.34 -8.05
C PRO B 155 -1.58 0.30 -7.98
N GLY B 156 -2.24 1.04 -8.89
CA GLY B 156 -3.68 1.12 -8.93
C GLY B 156 -4.32 2.12 -7.99
N LEU B 157 -3.57 2.68 -7.03
CA LEU B 157 -4.14 3.58 -6.04
C LEU B 157 -3.66 5.02 -6.19
N ARG B 158 -3.08 5.38 -7.34
CA ARG B 158 -2.44 6.70 -7.45
C ARG B 158 -3.41 7.85 -7.23
N LEU B 159 -4.56 7.86 -7.93
CA LEU B 159 -5.39 9.06 -7.86
C LEU B 159 -6.03 9.20 -6.49
N LEU B 160 -6.43 8.10 -5.86
CA LEU B 160 -6.96 8.15 -4.51
C LEU B 160 -5.89 8.56 -3.51
N GLU B 161 -4.66 8.07 -3.69
CA GLU B 161 -3.60 8.42 -2.75
C GLU B 161 -3.21 9.89 -2.88
N LYS B 162 -3.16 10.41 -4.11
CA LYS B 162 -2.89 11.83 -4.31
C LYS B 162 -4.01 12.68 -3.73
N TYR B 163 -5.25 12.24 -3.90
CA TYR B 163 -6.37 12.91 -3.22
C TYR B 163 -6.16 12.94 -1.71
N ALA B 164 -5.75 11.81 -1.13
CA ALA B 164 -5.56 11.76 0.33
C ALA B 164 -4.44 12.70 0.79
N VAL B 165 -3.39 12.85 -0.02
CA VAL B 165 -2.32 13.80 0.32
C VAL B 165 -2.88 15.22 0.39
N ARG B 166 -3.73 15.59 -0.56
CA ARG B 166 -4.33 16.92 -0.51
C ARG B 166 -5.22 17.07 0.73
N ARG B 167 -5.98 16.02 1.08
CA ARG B 167 -6.80 16.10 2.29
C ARG B 167 -5.95 16.21 3.56
N GLY B 168 -4.70 15.74 3.53
CA GLY B 168 -3.82 15.93 4.65
C GLY B 168 -3.05 17.23 4.64
N GLY B 169 -3.33 18.14 3.70
CA GLY B 169 -2.65 19.41 3.64
C GLY B 169 -1.39 19.44 2.80
N GLY B 170 -1.12 18.40 2.00
CA GLY B 170 0.05 18.38 1.16
C GLY B 170 -0.22 18.87 -0.27
N GLN B 171 0.84 18.98 -1.04
CA GLN B 171 0.79 19.36 -2.45
C GLN B 171 1.02 18.13 -3.31
N ASN B 172 0.37 18.10 -4.49
CA ASN B 172 0.72 17.15 -5.54
C ASN B 172 1.63 17.82 -6.56
N HIS B 173 2.57 17.07 -7.10
CA HIS B 173 3.16 17.58 -8.33
C HIS B 173 2.67 16.76 -9.53
N ARG B 174 3.57 16.08 -10.21
CA ARG B 174 3.23 15.36 -11.43
C ARG B 174 2.23 14.24 -11.16
N LEU B 175 1.19 14.14 -11.98
CA LEU B 175 0.34 12.95 -11.91
C LEU B 175 0.94 11.75 -12.65
N GLY B 176 1.80 11.97 -13.63
CA GLY B 176 2.38 10.89 -14.37
C GLY B 176 3.59 11.34 -15.14
N LEU B 177 3.97 10.55 -16.14
CA LEU B 177 5.14 10.92 -16.94
C LEU B 177 4.85 12.04 -17.93
N GLY B 178 3.59 12.20 -18.35
CA GLY B 178 3.32 13.07 -19.47
C GLY B 178 3.02 14.52 -19.17
N ASP B 179 2.74 14.90 -17.92
CA ASP B 179 2.20 16.23 -17.66
C ASP B 179 3.22 17.26 -17.19
N ALA B 180 4.48 16.86 -17.01
CA ALA B 180 5.54 17.83 -16.68
C ALA B 180 6.91 17.18 -16.90
N ILE B 181 7.91 18.03 -17.11
CA ILE B 181 9.28 17.59 -17.30
C ILE B 181 9.99 17.53 -15.97
N LEU B 182 10.58 16.38 -15.67
CA LEU B 182 11.42 16.23 -14.49
C LEU B 182 12.65 15.44 -14.92
N ILE B 183 13.77 16.12 -15.06
CA ILE B 183 15.00 15.47 -15.50
C ILE B 183 15.65 14.79 -14.30
N LYS B 184 15.82 13.48 -14.39
CA LYS B 184 16.30 12.68 -13.27
C LYS B 184 17.74 12.26 -13.50
N ASP B 185 18.32 11.67 -12.44
CA ASP B 185 19.70 11.21 -12.51
C ASP B 185 19.92 10.27 -13.69
N ASN B 186 18.98 9.34 -13.92
CA ASN B 186 19.17 8.41 -15.05
C ASN B 186 19.15 9.13 -16.39
N HIS B 187 18.38 10.23 -16.53
CA HIS B 187 18.44 10.99 -17.77
C HIS B 187 19.82 11.58 -17.97
N ILE B 188 20.42 12.08 -16.88
CA ILE B 188 21.72 12.72 -16.97
C ILE B 188 22.83 11.69 -17.20
N VAL B 189 22.73 10.52 -16.55
CA VAL B 189 23.66 9.43 -16.85
C VAL B 189 23.60 9.09 -18.33
N ALA B 190 22.38 8.90 -18.86
CA ALA B 190 22.21 8.55 -20.26
C ALA B 190 22.76 9.63 -21.18
N GLY B 191 22.65 10.90 -20.80
CA GLY B 191 23.10 11.98 -21.65
C GLY B 191 24.54 12.42 -21.40
N GLY B 192 25.03 12.23 -20.18
CA GLY B 192 26.38 12.64 -19.82
C GLY B 192 26.51 14.02 -19.22
N SER B 193 25.46 14.85 -19.19
CA SER B 193 25.59 16.21 -18.70
C SER B 193 24.25 16.75 -18.20
N ALA B 194 24.26 17.31 -16.98
CA ALA B 194 23.04 17.88 -16.42
C ALA B 194 22.64 19.15 -17.15
N GLY B 195 23.60 20.00 -17.50
CA GLY B 195 23.28 21.22 -18.22
C GLY B 195 22.82 20.95 -19.63
N ALA B 196 23.43 19.97 -20.30
CA ALA B 196 23.00 19.59 -21.64
C ALA B 196 21.57 19.07 -21.62
N ALA B 197 21.22 18.24 -20.63
CA ALA B 197 19.86 17.72 -20.53
C ALA B 197 18.86 18.84 -20.36
N LEU B 198 19.18 19.81 -19.49
CA LEU B 198 18.26 20.92 -19.27
C LEU B 198 18.04 21.71 -20.56
N GLN B 199 19.11 22.00 -21.29
CA GLN B 199 18.95 22.83 -22.48
C GLN B 199 18.16 22.10 -23.55
N ALA B 200 18.40 20.79 -23.70
CA ALA B 200 17.62 20.01 -24.65
C ALA B 200 16.14 20.02 -24.28
N ALA B 201 15.82 19.83 -23.00
CA ALA B 201 14.42 19.84 -22.57
C ALA B 201 13.78 21.21 -22.83
N ARG B 202 14.46 22.28 -22.42
N ARG B 202 14.48 22.29 -22.47
CA ARG B 202 13.97 23.64 -22.67
CA ARG B 202 13.91 23.62 -22.66
C ARG B 202 13.67 23.86 -24.14
C ARG B 202 13.70 23.94 -24.14
N ALA B 203 14.62 23.49 -25.00
CA ALA B 203 14.47 23.73 -26.43
C ALA B 203 13.24 23.00 -26.98
N HIS B 204 13.05 21.74 -26.57
CA HIS B 204 12.07 20.86 -27.21
C HIS B 204 10.65 21.39 -27.07
N THR B 205 10.28 21.89 -25.87
CA THR B 205 8.93 22.36 -25.61
C THR B 205 9.03 23.62 -24.76
N PRO B 206 9.21 24.79 -25.38
CA PRO B 206 9.67 25.97 -24.64
C PRO B 206 8.77 26.38 -23.49
N GLY B 207 7.47 26.07 -23.53
CA GLY B 207 6.58 26.53 -22.48
C GLY B 207 6.42 25.61 -21.30
N LEU B 208 6.87 24.37 -21.43
CA LEU B 208 6.75 23.38 -20.35
C LEU B 208 7.78 23.67 -19.26
N PRO B 209 7.37 23.84 -18.01
CA PRO B 209 8.36 24.09 -16.95
C PRO B 209 9.24 22.87 -16.75
N CYS B 210 10.55 23.09 -16.70
CA CYS B 210 11.52 22.03 -16.46
C CYS B 210 11.93 22.04 -15.00
N GLU B 211 11.88 20.88 -14.36
CA GLU B 211 12.58 20.67 -13.10
C GLU B 211 13.74 19.71 -13.37
N VAL B 212 14.90 19.98 -12.76
CA VAL B 212 16.08 19.15 -12.98
C VAL B 212 16.62 18.69 -11.63
N GLU B 213 16.92 17.41 -11.53
CA GLU B 213 17.39 16.79 -10.30
C GLU B 213 18.92 16.73 -10.32
N VAL B 214 19.55 17.24 -9.25
CA VAL B 214 21.00 17.23 -9.12
C VAL B 214 21.40 16.47 -7.86
N THR B 215 22.58 15.85 -7.91
CA THR B 215 23.11 15.09 -6.79
C THR B 215 24.35 15.72 -6.15
N THR B 216 24.89 16.80 -6.72
CA THR B 216 26.09 17.43 -6.20
C THR B 216 25.94 18.94 -6.29
N LEU B 217 26.75 19.64 -5.48
CA LEU B 217 26.73 21.10 -5.51
C LEU B 217 27.35 21.65 -6.79
N ALA B 218 28.25 20.89 -7.43
CA ALA B 218 28.77 21.32 -8.73
C ALA B 218 27.70 21.23 -9.80
N GLU B 219 26.90 20.15 -9.80
CA GLU B 219 25.75 20.08 -10.71
C GLU B 219 24.80 21.25 -10.47
N LEU B 220 24.58 21.60 -9.19
CA LEU B 220 23.72 22.73 -8.87
C LEU B 220 24.24 24.01 -9.50
N ASP B 221 25.55 24.26 -9.36
CA ASP B 221 26.18 25.42 -10.00
C ASP B 221 25.91 25.44 -11.50
N GLU B 222 26.02 24.28 -12.13
CA GLU B 222 25.87 24.18 -13.58
C GLU B 222 24.47 24.56 -14.03
N VAL B 223 23.44 24.11 -13.29
CA VAL B 223 22.07 24.40 -13.72
C VAL B 223 21.63 25.78 -13.27
N LEU B 224 22.17 26.29 -12.15
CA LEU B 224 21.89 27.67 -11.78
C LEU B 224 22.46 28.64 -12.81
N ALA B 225 23.63 28.33 -13.36
CA ALA B 225 24.22 29.20 -14.38
C ALA B 225 23.32 29.29 -15.61
N LEU B 226 22.63 28.20 -15.94
CA LEU B 226 21.68 28.21 -17.05
C LEU B 226 20.31 28.75 -16.65
N GLY B 227 20.16 29.25 -15.43
CA GLY B 227 18.90 29.83 -14.99
C GLY B 227 17.74 28.87 -14.84
N ALA B 228 18.00 27.64 -14.42
CA ALA B 228 16.92 26.68 -14.16
C ALA B 228 15.85 27.28 -13.25
N ASP B 229 14.59 26.99 -13.57
CA ASP B 229 13.46 27.49 -12.78
C ASP B 229 13.23 26.66 -11.54
N GLU B 230 13.51 25.36 -11.57
CA GLU B 230 13.26 24.52 -10.42
C GLU B 230 14.29 23.41 -10.36
N VAL B 231 14.83 23.17 -9.17
CA VAL B 231 15.91 22.21 -8.99
C VAL B 231 15.54 21.29 -7.84
N MET B 232 15.68 20.00 -8.05
CA MET B 232 15.49 19.02 -7.01
C MET B 232 16.86 18.60 -6.49
N LEU B 233 17.07 18.76 -5.19
CA LEU B 233 18.32 18.34 -4.54
C LEU B 233 18.15 16.90 -4.06
N ASP B 234 18.82 15.97 -4.72
CA ASP B 234 18.65 14.55 -4.45
C ASP B 234 19.68 14.11 -3.41
N ASN B 235 19.20 13.71 -2.22
CA ASN B 235 20.05 13.20 -1.13
C ASN B 235 21.07 14.22 -0.62
N PHE B 236 20.75 15.51 -0.69
CA PHE B 236 21.57 16.50 -0.02
C PHE B 236 21.34 16.41 1.48
N THR B 237 22.43 16.57 2.25
CA THR B 237 22.27 16.67 3.71
C THR B 237 21.66 18.03 4.07
N VAL B 238 21.28 18.16 5.35
CA VAL B 238 20.77 19.44 5.82
C VAL B 238 21.77 20.55 5.55
N GLU B 239 23.05 20.28 5.77
CA GLU B 239 24.06 21.33 5.59
C GLU B 239 24.24 21.67 4.11
N GLN B 240 24.21 20.66 3.23
CA GLN B 240 24.30 20.92 1.81
C GLN B 240 23.09 21.71 1.30
N CYS B 241 21.90 21.48 1.87
CA CYS B 241 20.74 22.29 1.47
C CYS B 241 20.91 23.74 1.85
N VAL B 242 21.42 24.01 3.06
CA VAL B 242 21.74 25.38 3.45
C VAL B 242 22.73 25.99 2.45
N GLU B 243 23.79 25.25 2.13
CA GLU B 243 24.75 25.71 1.13
C GLU B 243 24.06 25.94 -0.22
N ALA B 244 23.18 25.02 -0.61
CA ALA B 244 22.45 25.18 -1.88
C ALA B 244 21.63 26.44 -1.88
N VAL B 245 20.92 26.71 -0.78
CA VAL B 245 20.15 27.95 -0.68
C VAL B 245 21.06 29.16 -0.81
N ARG B 246 22.26 29.09 -0.23
CA ARG B 246 23.19 30.20 -0.33
C ARG B 246 23.58 30.45 -1.79
N ARG B 247 23.97 29.40 -2.50
CA ARG B 247 24.39 29.58 -3.90
C ARG B 247 23.23 30.05 -4.77
N ARG B 248 22.02 29.56 -4.50
CA ARG B 248 20.85 30.06 -5.24
C ARG B 248 20.64 31.54 -4.99
N ASP B 249 20.77 31.98 -3.73
CA ASP B 249 20.63 33.40 -3.42
C ASP B 249 21.76 34.21 -4.06
N ALA B 250 22.98 33.67 -4.08
CA ALA B 250 24.11 34.40 -4.68
C ALA B 250 23.97 34.51 -6.19
N ALA B 251 23.50 33.43 -6.84
CA ALA B 251 23.30 33.48 -8.28
C ALA B 251 22.15 34.40 -8.68
N ARG B 252 21.35 34.85 -7.71
CA ARG B 252 20.26 35.80 -7.91
C ARG B 252 19.22 35.32 -8.91
N THR B 253 19.13 34.00 -9.13
CA THR B 253 18.02 33.44 -9.89
C THR B 253 16.80 33.32 -8.98
N ARG B 254 15.63 33.15 -9.61
CA ARG B 254 14.42 32.83 -8.88
C ARG B 254 14.18 31.33 -8.78
N THR B 255 15.24 30.53 -8.81
CA THR B 255 15.11 29.08 -8.84
C THR B 255 14.46 28.55 -7.57
N ARG B 256 13.38 27.79 -7.72
CA ARG B 256 12.77 27.10 -6.60
C ARG B 256 13.56 25.84 -6.29
N LEU B 257 13.76 25.60 -4.99
CA LEU B 257 14.57 24.47 -4.53
C LEU B 257 13.70 23.46 -3.80
N GLU B 258 13.88 22.20 -4.14
CA GLU B 258 13.12 21.10 -3.58
C GLU B 258 14.13 20.05 -3.12
N ALA B 259 13.90 19.46 -1.96
CA ALA B 259 14.78 18.41 -1.46
C ALA B 259 14.03 17.09 -1.40
N SER B 260 14.75 16.00 -1.69
CA SER B 260 14.17 14.68 -1.52
C SER B 260 15.30 13.66 -1.43
N GLY B 261 14.92 12.44 -1.06
CA GLY B 261 15.88 11.35 -0.93
C GLY B 261 15.87 10.73 0.44
N GLY B 262 14.99 9.76 0.65
CA GLY B 262 14.93 9.07 1.93
C GLY B 262 14.51 9.92 3.11
N LEU B 263 13.87 11.07 2.87
CA LEU B 263 13.50 11.95 3.96
C LEU B 263 12.59 11.23 4.96
N THR B 264 12.89 11.39 6.25
CA THR B 264 12.07 10.83 7.31
C THR B 264 11.57 11.93 8.24
N LEU B 265 10.52 11.60 8.98
CA LEU B 265 9.84 12.58 9.81
C LEU B 265 10.75 13.15 10.90
N ASP B 266 11.67 12.34 11.45
CA ASP B 266 12.50 12.85 12.54
C ASP B 266 13.51 13.91 12.10
N VAL B 267 13.73 14.09 10.79
CA VAL B 267 14.55 15.18 10.28
C VAL B 267 13.72 16.19 9.49
N ALA B 268 12.40 16.01 9.43
CA ALA B 268 11.56 16.91 8.65
C ALA B 268 11.71 18.35 9.12
N ALA B 269 11.59 18.58 10.42
CA ALA B 269 11.60 19.95 10.93
C ALA B 269 12.95 20.62 10.68
N ALA B 270 14.05 19.86 10.74
CA ALA B 270 15.36 20.43 10.44
C ALA B 270 15.48 20.81 8.96
N TYR B 271 15.04 19.93 8.05
CA TYR B 271 15.13 20.26 6.63
C TYR B 271 14.27 21.46 6.26
N ALA B 272 13.12 21.62 6.92
CA ALA B 272 12.27 22.78 6.68
C ALA B 272 12.93 24.09 7.06
N ARG B 273 14.00 24.07 7.88
CA ARG B 273 14.71 25.29 8.26
C ARG B 273 15.99 25.50 7.46
N THR B 274 16.13 24.82 6.31
CA THR B 274 17.29 25.04 5.46
C THR B 274 17.09 26.18 4.47
N GLY B 275 15.85 26.60 4.26
CA GLY B 275 15.53 27.56 3.22
C GLY B 275 14.94 26.97 1.96
N VAL B 276 14.93 25.63 1.81
CA VAL B 276 14.35 25.06 0.60
C VAL B 276 12.84 25.32 0.58
N ASP B 277 12.27 25.28 -0.62
CA ASP B 277 10.86 25.60 -0.77
C ASP B 277 9.94 24.40 -0.55
N LEU B 278 10.38 23.20 -0.90
CA LEU B 278 9.54 22.02 -0.85
C LEU B 278 10.36 20.82 -0.40
N LEU B 279 9.69 19.89 0.28
CA LEU B 279 10.24 18.57 0.52
C LEU B 279 9.36 17.57 -0.21
N ALA B 280 9.98 16.75 -1.07
CA ALA B 280 9.28 15.68 -1.76
C ALA B 280 9.48 14.38 -0.99
N VAL B 281 8.38 13.77 -0.54
CA VAL B 281 8.41 12.69 0.43
C VAL B 281 7.70 11.47 -0.17
N GLY B 282 8.48 10.47 -0.60
CA GLY B 282 7.86 9.26 -1.12
C GLY B 282 7.04 8.51 -0.07
N ALA B 283 7.45 8.56 1.19
CA ALA B 283 6.82 7.78 2.24
C ALA B 283 5.34 8.11 2.42
N LEU B 284 4.88 9.30 2.03
CA LEU B 284 3.49 9.67 2.18
C LEU B 284 2.58 8.65 1.52
N THR B 285 3.03 8.09 0.40
CA THR B 285 2.21 7.17 -0.37
C THR B 285 2.71 5.72 -0.34
N HIS B 286 4.00 5.46 -0.19
CA HIS B 286 4.44 4.07 -0.17
C HIS B 286 4.73 3.51 1.23
N SER B 287 4.68 4.34 2.28
CA SER B 287 4.99 3.84 3.63
C SER B 287 4.13 4.51 4.68
N ALA B 288 2.87 4.79 4.37
CA ALA B 288 1.98 5.42 5.34
C ALA B 288 1.31 4.35 6.18
N PRO B 289 1.47 4.35 7.51
CA PRO B 289 0.76 3.35 8.33
C PRO B 289 -0.74 3.59 8.23
N ALA B 290 -1.50 2.51 8.18
CA ALA B 290 -2.97 2.61 8.16
C ALA B 290 -3.47 3.34 9.40
N LEU B 291 -4.48 4.18 9.24
CA LEU B 291 -5.17 4.71 10.41
C LEU B 291 -6.18 3.69 10.92
N ASP B 292 -6.14 3.42 12.23
CA ASP B 292 -6.96 2.35 12.80
C ASP B 292 -8.41 2.85 12.93
N LEU B 293 -9.24 2.53 11.94
CA LEU B 293 -10.67 2.78 12.00
C LEU B 293 -11.40 1.45 12.09
N GLY B 294 -12.48 1.42 12.88
CA GLY B 294 -13.29 0.22 12.97
C GLY B 294 -14.75 0.45 12.66
N LEU B 295 -15.49 -0.61 12.35
CA LEU B 295 -16.92 -0.53 12.08
C LEU B 295 -17.62 -1.40 13.11
N ASP B 296 -18.49 -0.79 13.92
CA ASP B 296 -19.15 -1.46 15.03
C ASP B 296 -20.65 -1.44 14.83
N PHE B 297 -21.30 -2.59 14.97
CA PHE B 297 -22.75 -2.66 14.84
C PHE B 297 -23.40 -2.08 16.08
S SO4 C . -3.47 -5.75 13.22
O1 SO4 C . -3.59 -5.11 14.51
O2 SO4 C . -4.32 -5.05 12.25
O3 SO4 C . -2.04 -5.74 12.86
O4 SO4 C . -3.97 -7.13 13.27
S SO4 D . -9.74 -12.26 8.20
O1 SO4 D . -11.15 -11.98 8.49
O2 SO4 D . -9.11 -11.00 7.77
O3 SO4 D . -9.06 -12.78 9.37
O4 SO4 D . -9.64 -13.27 7.15
S SO4 E . -14.33 -8.42 8.41
O1 SO4 E . -14.63 -9.30 9.54
O2 SO4 E . -14.60 -7.06 8.84
O3 SO4 E . -12.90 -8.47 8.05
O4 SO4 E . -15.09 -8.85 7.22
C1 GOL F . -8.58 -10.40 11.29
O1 GOL F . -9.24 -11.58 11.76
C2 GOL F . -7.29 -10.18 12.15
O2 GOL F . -6.64 -11.38 12.41
C3 GOL F . -6.40 -9.24 11.30
O3 GOL F . -5.89 -8.26 12.15
O1 0L1 G . 11.82 6.35 -11.44
C2 0L1 G . 11.33 7.51 -11.62
O2 0L1 G . 10.71 7.80 -12.71
C3 0L1 G . 11.51 8.49 -10.46
C4 0L1 G . 12.29 7.81 -9.33
C5 0L1 G . 12.90 8.77 -8.29
C6 0L1 G . 14.26 8.22 -7.83
C7 0L1 G . 14.21 7.10 -6.78
O4 0L1 G . 14.39 7.38 -5.56
O3 0L1 G . 14.05 5.89 -7.12
CL CL H . 4.42 -21.32 -2.20
CL CL I . -7.77 -21.27 6.66
C1 GOL J . 10.74 13.03 -5.73
O1 GOL J . 10.62 13.16 -7.12
C2 GOL J . 10.89 11.53 -5.46
O2 GOL J . 11.80 10.96 -6.32
C3 GOL J . 11.31 11.42 -3.98
O3 GOL J . 10.61 10.34 -3.46
C1 GOL K . 16.69 7.83 -11.64
O1 GOL K . 17.42 9.00 -11.51
C2 GOL K . 15.22 8.16 -12.09
O2 GOL K . 14.32 7.38 -11.42
C3 GOL K . 15.18 7.91 -13.66
O3 GOL K . 13.86 7.77 -14.12
C1 144 L . 2.17 0.37 1.75
N 144 L . 1.59 0.73 3.02
C2 144 L . 2.69 0.98 3.96
O2 144 L . 2.26 1.30 5.24
C3 144 L . 0.80 1.96 2.83
O3 144 L . 1.58 3.02 2.29
C4 144 L . 0.73 -0.36 3.49
O4 144 L . 1.35 -1.64 3.42
S SO4 M . -10.79 -4.47 13.27
O1 SO4 M . -11.73 -4.48 14.39
O2 SO4 M . -11.48 -4.07 12.04
O3 SO4 M . -9.72 -3.51 13.55
O4 SO4 M . -10.24 -5.82 13.13
S SO4 N . 11.79 8.46 -0.82
O1 SO4 N . 11.87 8.23 0.62
O2 SO4 N . 11.15 9.74 -1.04
O3 SO4 N . 13.12 8.50 -1.41
O4 SO4 N . 11.03 7.37 -1.42
S SO4 O . 8.19 12.35 -9.39
O1 SO4 O . 8.99 13.37 -8.71
O2 SO4 O . 7.02 12.99 -9.96
O3 SO4 O . 7.84 11.30 -8.43
O4 SO4 O . 8.95 11.73 -10.47
CL CL P . -8.44 19.76 -3.93
#